data_4FRY
#
_entry.id   4FRY
#
_cell.length_a   33.350
_cell.length_b   56.630
_cell.length_c   76.580
_cell.angle_alpha   90.000
_cell.angle_beta   98.410
_cell.angle_gamma   90.000
#
_symmetry.space_group_name_H-M   'P 1 21 1'
#
loop_
_entity.id
_entity.type
_entity.pdbx_description
1 polymer 'Putative signal-transduction protein with CBS domains'
2 non-polymer NICOTINAMIDE-ADENINE-DINUCLEOTIDE
3 non-polymer 'ADENOSINE MONOPHOSPHATE'
4 water water
#
_entity_poly.entity_id   1
_entity_poly.type   'polypeptide(L)'
_entity_poly.pdbx_seq_one_letter_code
;GPGSMSTTVAQILKAKPDSGRTIYTVTKNDFVYDAIKLMAEKGIGALLVVDGDDIAGIVTERDYARKVVLQERSSKATRV
EEIMTAKVRYVEPSQSTDECMALMTEHRMRHLPVLDGGKLIGLISIGDLVKSVIADQQFTISQLEHYIHGTPSVTSV
;
_entity_poly.pdbx_strand_id   A,B
#
# COMPACT_ATOMS: atom_id res chain seq x y z
N THR A 7 6.69 2.04 21.50
CA THR A 7 6.88 0.70 20.89
C THR A 7 8.01 0.77 19.88
N THR A 8 8.84 -0.28 19.85
CA THR A 8 10.02 -0.31 19.03
C THR A 8 9.80 -1.13 17.76
N VAL A 9 10.65 -0.89 16.77
CA VAL A 9 10.73 -1.72 15.56
C VAL A 9 11.03 -3.18 15.94
N ALA A 10 11.92 -3.37 16.91
CA ALA A 10 12.22 -4.71 17.44
C ALA A 10 10.97 -5.45 17.92
N GLN A 11 10.08 -4.73 18.62
CA GLN A 11 8.81 -5.30 19.07
C GLN A 11 7.88 -5.58 17.89
N ILE A 12 7.88 -4.72 16.88
CA ILE A 12 7.11 -4.97 15.67
C ILE A 12 7.57 -6.28 15.04
N LEU A 13 8.89 -6.44 14.95
CA LEU A 13 9.47 -7.65 14.35
C LEU A 13 9.14 -8.88 15.19
N LYS A 14 9.25 -8.75 16.51
CA LYS A 14 8.91 -9.84 17.42
C LYS A 14 7.46 -10.25 17.24
N ALA A 15 6.58 -9.26 17.07
CA ALA A 15 5.15 -9.49 16.85
C ALA A 15 4.83 -10.35 15.62
N LYS A 16 5.68 -10.32 14.59
CA LYS A 16 5.45 -11.08 13.36
C LYS A 16 5.62 -12.60 13.62
N PRO A 17 5.12 -13.46 12.70
CA PRO A 17 4.98 -14.86 13.08
C PRO A 17 6.30 -15.57 13.40
N ASP A 18 7.32 -15.35 12.57
CA ASP A 18 8.64 -15.95 12.75
C ASP A 18 9.58 -14.92 13.37
N SER A 19 9.02 -14.06 14.22
CA SER A 19 9.74 -12.91 14.78
C SER A 19 10.35 -12.03 13.68
N GLY A 20 9.71 -12.01 12.52
CA GLY A 20 10.19 -11.24 11.37
C GLY A 20 11.56 -11.65 10.83
N ARG A 21 11.89 -12.93 10.94
CA ARG A 21 13.19 -13.43 10.47
C ARG A 21 13.22 -13.63 8.95
N THR A 22 12.07 -13.95 8.36
CA THR A 22 11.95 -14.12 6.91
C THR A 22 11.95 -12.77 6.19
N ILE A 23 12.84 -12.63 5.20
CA ILE A 23 12.80 -11.52 4.24
C ILE A 23 12.71 -12.09 2.82
N TYR A 24 11.59 -11.85 2.15
CA TYR A 24 11.39 -12.34 0.79
C TYR A 24 12.15 -11.44 -0.18
N THR A 25 12.98 -12.07 -1.00
CA THR A 25 14.05 -11.38 -1.71
C THR A 25 14.12 -11.79 -3.19
N VAL A 26 14.71 -10.93 -4.01
CA VAL A 26 15.02 -11.22 -5.42
C VAL A 26 16.38 -10.61 -5.76
N THR A 27 16.97 -11.03 -6.88
CA THR A 27 18.20 -10.41 -7.36
C THR A 27 17.91 -9.33 -8.40
N LYS A 28 18.87 -8.42 -8.57
CA LYS A 28 18.80 -7.36 -9.58
C LYS A 28 18.58 -7.88 -11.00
N ASN A 29 19.09 -9.08 -11.27
CA ASN A 29 18.99 -9.72 -12.59
C ASN A 29 17.69 -10.46 -12.84
N ASP A 30 16.98 -10.84 -11.77
CA ASP A 30 15.68 -11.51 -11.91
C ASP A 30 14.74 -10.68 -12.77
N PHE A 31 13.82 -11.35 -13.46
CA PHE A 31 12.80 -10.65 -14.23
C PHE A 31 11.70 -10.18 -13.30
N VAL A 32 11.15 -9.02 -13.64
CA VAL A 32 10.04 -8.41 -12.91
C VAL A 32 8.89 -9.39 -12.71
N TYR A 33 8.60 -10.19 -13.73
CA TYR A 33 7.52 -11.18 -13.69
C TYR A 33 7.72 -12.17 -12.55
N ASP A 34 8.98 -12.56 -12.33
CA ASP A 34 9.31 -13.49 -11.26
C ASP A 34 9.17 -12.83 -9.88
N ALA A 35 9.51 -11.54 -9.81
CA ALA A 35 9.26 -10.73 -8.62
C ALA A 35 7.77 -10.69 -8.32
N ILE A 36 6.98 -10.33 -9.33
CA ILE A 36 5.52 -10.24 -9.22
C ILE A 36 4.90 -11.58 -8.84
N LYS A 37 5.35 -12.66 -9.49
CA LYS A 37 4.87 -14.01 -9.17
C LYS A 37 5.12 -14.29 -7.69
N LEU A 38 6.35 -14.02 -7.24
CA LEU A 38 6.74 -14.28 -5.86
C LEU A 38 5.92 -13.45 -4.86
N MET A 39 5.65 -12.18 -5.17
CA MET A 39 4.80 -11.35 -4.30
C MET A 39 3.42 -11.96 -4.12
N ALA A 40 2.85 -12.47 -5.21
CA ALA A 40 1.58 -13.20 -5.20
C ALA A 40 1.70 -14.48 -4.38
N GLU A 41 2.76 -15.23 -4.62
CA GLU A 41 3.01 -16.47 -3.87
C GLU A 41 3.02 -16.27 -2.35
N LYS A 42 3.54 -15.13 -1.89
CA LYS A 42 3.74 -14.92 -0.45
C LYS A 42 2.81 -13.87 0.18
N GLY A 43 1.91 -13.30 -0.62
CA GLY A 43 0.94 -12.35 -0.11
C GLY A 43 1.55 -11.06 0.38
N ILE A 44 2.48 -10.50 -0.40
CA ILE A 44 3.22 -9.30 0.00
C ILE A 44 3.21 -8.25 -1.12
N GLY A 45 3.70 -7.05 -0.83
CA GLY A 45 3.71 -5.95 -1.79
C GLY A 45 5.11 -5.43 -2.12
N ALA A 46 6.14 -5.98 -1.46
CA ALA A 46 7.50 -5.54 -1.73
C ALA A 46 8.48 -6.70 -1.68
N LEU A 47 9.63 -6.50 -2.31
CA LEU A 47 10.72 -7.45 -2.25
C LEU A 47 12.00 -6.67 -2.08
N LEU A 48 12.87 -7.18 -1.21
CA LEU A 48 14.20 -6.64 -1.06
C LEU A 48 15.03 -7.17 -2.24
N VAL A 49 15.79 -6.30 -2.88
CA VAL A 49 16.60 -6.69 -4.03
C VAL A 49 18.04 -6.86 -3.56
N VAL A 50 18.55 -8.08 -3.68
CA VAL A 50 19.92 -8.40 -3.27
C VAL A 50 20.82 -8.60 -4.49
N ASP A 51 22.04 -8.07 -4.41
CA ASP A 51 23.08 -8.33 -5.38
C ASP A 51 24.00 -9.36 -4.77
N GLY A 52 23.54 -10.61 -4.73
CA GLY A 52 24.28 -11.72 -4.15
C GLY A 52 24.82 -11.46 -2.75
N ASP A 53 23.94 -11.08 -1.83
CA ASP A 53 24.28 -10.91 -0.40
C ASP A 53 24.46 -9.46 0.07
N ASP A 54 24.39 -8.50 -0.85
CA ASP A 54 24.38 -7.07 -0.50
C ASP A 54 23.07 -6.42 -0.96
N ILE A 55 22.59 -5.43 -0.20
CA ILE A 55 21.32 -4.78 -0.48
C ILE A 55 21.48 -3.78 -1.63
N ALA A 56 20.87 -4.11 -2.77
CA ALA A 56 21.01 -3.34 -4.00
C ALA A 56 19.81 -2.42 -4.24
N GLY A 57 18.65 -2.77 -3.70
CA GLY A 57 17.48 -1.93 -3.85
C GLY A 57 16.21 -2.51 -3.24
N ILE A 58 15.08 -1.93 -3.60
CA ILE A 58 13.78 -2.44 -3.19
C ILE A 58 12.80 -2.28 -4.35
N VAL A 59 11.90 -3.25 -4.50
CA VAL A 59 10.93 -3.18 -5.57
C VAL A 59 9.56 -3.53 -4.99
N THR A 60 8.54 -2.74 -5.33
CA THR A 60 7.21 -2.94 -4.81
C THR A 60 6.14 -2.95 -5.91
N GLU A 61 4.92 -3.36 -5.54
CA GLU A 61 3.77 -3.36 -6.46
C GLU A 61 3.53 -1.99 -7.11
N ARG A 62 3.91 -0.92 -6.42
CA ARG A 62 3.83 0.44 -6.96
C ARG A 62 4.78 0.66 -8.15
N ASP A 63 6.05 0.25 -7.99
CA ASP A 63 7.02 0.27 -9.09
C ASP A 63 6.49 -0.50 -10.31
N TYR A 64 5.89 -1.65 -10.06
CA TYR A 64 5.33 -2.45 -11.13
C TYR A 64 4.19 -1.73 -11.83
N ALA A 65 3.33 -1.07 -11.04
CA ALA A 65 2.17 -0.36 -11.59
C ALA A 65 2.62 0.81 -12.46
N ARG A 66 3.74 1.45 -12.09
CA ARG A 66 4.21 2.70 -12.74
C ARG A 66 5.22 2.50 -13.88
N LYS A 67 6.11 1.52 -13.75
CA LYS A 67 7.32 1.51 -14.58
C LYS A 67 7.41 0.45 -15.66
N VAL A 68 6.37 -0.37 -15.84
CA VAL A 68 6.42 -1.48 -16.81
C VAL A 68 5.53 -1.26 -18.03
N VAL A 69 4.25 -1.65 -17.99
CA VAL A 69 3.37 -1.50 -19.18
C VAL A 69 3.16 -0.04 -19.61
N LEU A 70 3.12 0.89 -18.66
CA LEU A 70 3.05 2.32 -18.98
C LEU A 70 4.31 2.85 -19.67
N GLN A 71 5.41 2.09 -19.64
CA GLN A 71 6.64 2.47 -20.33
C GLN A 71 6.90 1.57 -21.55
N GLU A 72 5.85 0.91 -22.04
CA GLU A 72 5.94 -0.04 -23.14
C GLU A 72 6.85 -1.25 -22.85
N ARG A 73 6.96 -1.66 -21.58
CA ARG A 73 7.80 -2.79 -21.18
C ARG A 73 6.98 -4.02 -20.80
N SER A 74 7.58 -5.21 -20.95
CA SER A 74 6.98 -6.48 -20.54
C SER A 74 7.71 -7.01 -19.32
N SER A 75 6.97 -7.59 -18.37
CA SER A 75 7.59 -8.05 -17.12
C SER A 75 8.48 -9.28 -17.34
N LYS A 76 8.17 -10.07 -18.36
CA LYS A 76 9.02 -11.19 -18.76
C LYS A 76 10.32 -10.69 -19.41
N ALA A 77 10.26 -9.51 -20.04
CA ALA A 77 11.40 -8.93 -20.74
C ALA A 77 12.11 -7.80 -19.96
N THR A 78 11.71 -7.57 -18.71
CA THR A 78 12.31 -6.49 -17.90
C THR A 78 12.93 -7.04 -16.61
N ARG A 79 14.13 -6.53 -16.28
CA ARG A 79 14.83 -6.91 -15.07
C ARG A 79 14.38 -6.05 -13.89
N VAL A 80 14.42 -6.63 -12.70
CA VAL A 80 14.12 -5.91 -11.46
C VAL A 80 14.93 -4.62 -11.31
N GLU A 81 16.19 -4.63 -11.73
CA GLU A 81 17.04 -3.43 -11.67
C GLU A 81 16.42 -2.23 -12.39
N GLU A 82 15.69 -2.50 -13.46
CA GLU A 82 15.14 -1.43 -14.30
C GLU A 82 14.08 -0.61 -13.57
N ILE A 83 13.39 -1.22 -12.61
CA ILE A 83 12.26 -0.54 -11.95
C ILE A 83 12.44 -0.36 -10.43
N MET A 84 13.49 -0.94 -9.86
CA MET A 84 13.70 -0.88 -8.40
C MET A 84 14.14 0.52 -7.97
N THR A 85 14.02 0.80 -6.68
CA THR A 85 14.61 1.99 -6.07
C THR A 85 15.94 1.56 -5.48
N ALA A 86 17.02 2.19 -5.93
CA ALA A 86 18.38 1.84 -5.53
C ALA A 86 18.78 2.44 -4.18
N LYS A 87 18.29 3.66 -3.90
CA LYS A 87 18.55 4.34 -2.64
C LYS A 87 17.50 3.92 -1.60
N VAL A 88 17.83 2.92 -0.79
CA VAL A 88 16.89 2.35 0.17
C VAL A 88 17.00 3.02 1.54
N ARG A 89 15.88 3.46 2.09
CA ARG A 89 15.84 3.97 3.47
C ARG A 89 15.50 2.81 4.38
N TYR A 90 16.11 2.77 5.56
CA TYR A 90 15.90 1.68 6.50
C TYR A 90 15.80 2.23 7.92
N VAL A 91 15.54 1.33 8.86
CA VAL A 91 15.49 1.68 10.27
C VAL A 91 16.29 0.67 11.07
N GLU A 92 16.54 0.96 12.34
CA GLU A 92 17.08 -0.04 13.27
C GLU A 92 16.11 -0.35 14.39
N PRO A 93 16.29 -1.52 15.04
CA PRO A 93 15.30 -2.01 16.02
C PRO A 93 15.06 -1.04 17.17
N SER A 94 16.04 -0.19 17.45
CA SER A 94 15.92 0.81 18.51
C SER A 94 14.78 1.79 18.23
N GLN A 95 14.53 2.05 16.97
CA GLN A 95 13.63 3.14 16.58
C GLN A 95 12.17 2.87 16.94
N SER A 96 11.43 3.95 17.18
CA SER A 96 10.03 3.84 17.57
C SER A 96 9.11 3.78 16.36
N THR A 97 7.91 3.25 16.56
CA THR A 97 6.93 3.13 15.48
C THR A 97 6.52 4.51 14.97
N ASP A 98 6.50 5.52 15.86
CA ASP A 98 6.14 6.87 15.43
C ASP A 98 7.12 7.40 14.40
N GLU A 99 8.41 7.12 14.62
CA GLU A 99 9.48 7.52 13.70
C GLU A 99 9.30 6.83 12.36
N CYS A 100 8.99 5.54 12.38
CA CYS A 100 8.73 4.79 11.13
C CYS A 100 7.50 5.33 10.38
N MET A 101 6.46 5.67 11.12
CA MET A 101 5.26 6.23 10.53
C MET A 101 5.52 7.57 9.85
N ALA A 102 6.28 8.44 10.52
CA ALA A 102 6.73 9.71 9.98
C ALA A 102 7.53 9.52 8.68
N LEU A 103 8.47 8.58 8.70
CA LEU A 103 9.29 8.31 7.52
C LEU A 103 8.45 7.90 6.32
N MET A 104 7.54 6.96 6.55
CA MET A 104 6.64 6.47 5.50
C MET A 104 5.71 7.56 4.99
N THR A 105 5.23 8.42 5.87
CA THR A 105 4.37 9.54 5.47
C THR A 105 5.14 10.59 4.65
N GLU A 106 6.29 11.01 5.17
CA GLU A 106 7.06 12.08 4.57
C GLU A 106 7.66 11.64 3.23
N HIS A 107 8.17 10.41 3.16
CA HIS A 107 8.83 9.90 1.94
C HIS A 107 7.97 9.03 1.06
N ARG A 108 6.71 8.82 1.44
CA ARG A 108 5.74 8.14 0.56
C ARG A 108 6.22 6.74 0.15
N MET A 109 6.51 5.95 1.17
CA MET A 109 6.94 4.55 1.05
C MET A 109 6.23 3.78 2.16
N ARG A 110 5.87 2.53 1.89
CA ARG A 110 5.16 1.73 2.87
C ARG A 110 5.99 0.57 3.41
N HIS A 111 7.30 0.57 3.18
CA HIS A 111 8.15 -0.56 3.57
C HIS A 111 9.47 -0.07 4.06
N LEU A 112 9.97 -0.66 5.15
CA LEU A 112 11.26 -0.28 5.73
C LEU A 112 12.03 -1.54 6.11
N PRO A 113 13.09 -1.88 5.35
CA PRO A 113 14.00 -2.90 5.83
C PRO A 113 14.57 -2.51 7.21
N VAL A 114 14.84 -3.50 8.04
CA VAL A 114 15.38 -3.28 9.37
C VAL A 114 16.81 -3.82 9.41
N LEU A 115 17.78 -2.90 9.50
CA LEU A 115 19.18 -3.27 9.63
C LEU A 115 19.60 -3.17 11.08
N ASP A 116 20.51 -4.06 11.47
CA ASP A 116 21.11 -4.02 12.80
C ASP A 116 22.62 -4.15 12.63
N GLY A 117 23.33 -3.04 12.88
CA GLY A 117 24.78 -2.96 12.70
C GLY A 117 25.26 -3.20 11.27
N GLY A 118 24.44 -2.80 10.30
CA GLY A 118 24.72 -3.09 8.89
C GLY A 118 24.26 -4.47 8.43
N LYS A 119 23.58 -5.19 9.32
CA LYS A 119 23.05 -6.53 9.03
C LYS A 119 21.52 -6.50 8.94
N LEU A 120 20.98 -6.93 7.82
CA LEU A 120 19.53 -6.99 7.63
C LEU A 120 18.95 -8.08 8.54
N ILE A 121 17.99 -7.69 9.38
CA ILE A 121 17.33 -8.64 10.29
C ILE A 121 15.87 -8.91 9.92
N GLY A 122 15.25 -7.99 9.20
CA GLY A 122 13.86 -8.15 8.80
C GLY A 122 13.34 -6.97 8.00
N LEU A 123 12.02 -6.92 7.85
CA LEU A 123 11.36 -5.86 7.12
C LEU A 123 9.99 -5.55 7.71
N ILE A 124 9.69 -4.26 7.86
CA ILE A 124 8.39 -3.84 8.35
C ILE A 124 7.66 -3.05 7.27
N SER A 125 6.34 -3.02 7.40
CA SER A 125 5.45 -2.42 6.44
C SER A 125 4.45 -1.51 7.17
N ILE A 126 3.78 -0.63 6.41
CA ILE A 126 2.84 0.33 7.00
C ILE A 126 1.72 -0.38 7.78
N GLY A 127 1.33 -1.56 7.29
CA GLY A 127 0.37 -2.42 7.97
C GLY A 127 0.82 -2.99 9.31
N ASP A 128 2.12 -3.29 9.43
CA ASP A 128 2.68 -3.72 10.72
C ASP A 128 2.55 -2.60 11.74
N LEU A 129 2.83 -1.38 11.31
CA LEU A 129 2.75 -0.21 12.16
C LEU A 129 1.30 0.11 12.56
N VAL A 130 0.39 0.10 11.59
CA VAL A 130 -1.03 0.36 11.88
C VAL A 130 -1.60 -0.65 12.87
N LYS A 131 -1.23 -1.92 12.72
CA LYS A 131 -1.67 -2.97 13.65
C LYS A 131 -1.22 -2.73 15.07
N SER A 132 0.04 -2.36 15.23
CA SER A 132 0.59 -2.01 16.54
C SER A 132 -0.19 -0.89 17.21
N VAL A 133 -0.63 0.10 16.44
CA VAL A 133 -1.42 1.20 16.98
C VAL A 133 -2.74 0.72 17.61
N ILE A 134 -3.38 -0.28 17.01
CA ILE A 134 -4.71 -0.73 17.47
C ILE A 134 -4.78 -2.19 17.95
N ALA A 135 -3.66 -2.92 17.96
CA ALA A 135 -3.69 -4.37 18.25
C ALA A 135 -4.21 -4.69 19.65
N ASP A 136 -4.12 -3.73 20.57
CA ASP A 136 -4.59 -3.89 21.95
C ASP A 136 -6.01 -3.37 22.17
N GLN A 137 -6.56 -2.65 21.19
CA GLN A 137 -7.83 -1.94 21.34
C GLN A 137 -9.05 -2.86 21.17
N GLN A 138 -10.16 -2.47 21.79
CA GLN A 138 -11.39 -3.27 21.82
C GLN A 138 -12.39 -2.73 20.82
N PHE A 139 -12.88 -3.59 19.93
CA PHE A 139 -13.87 -3.23 18.91
C PHE A 139 -15.04 -4.22 18.87
N THR A 140 -16.21 -3.74 18.45
CA THR A 140 -17.38 -4.59 18.23
C THR A 140 -17.72 -4.62 16.75
N ILE A 141 -18.25 -5.75 16.29
CA ILE A 141 -18.77 -5.88 14.92
C ILE A 141 -19.75 -4.77 14.59
N SER A 142 -20.66 -4.46 15.53
CA SER A 142 -21.64 -3.39 15.35
C SER A 142 -20.98 -2.01 15.38
N SER B 6 -11.24 10.58 20.24
CA SER B 6 -11.28 10.00 18.86
C SER B 6 -11.17 11.09 17.79
N THR B 7 -10.29 10.84 16.81
CA THR B 7 -10.22 11.62 15.56
C THR B 7 -11.11 10.92 14.53
N THR B 8 -11.88 11.69 13.76
CA THR B 8 -12.92 11.14 12.90
C THR B 8 -12.53 11.10 11.42
N VAL B 9 -13.30 10.34 10.64
CA VAL B 9 -13.15 10.32 9.19
C VAL B 9 -13.44 11.71 8.58
N ALA B 10 -14.42 12.44 9.13
CA ALA B 10 -14.70 13.82 8.69
C ALA B 10 -13.42 14.68 8.76
N GLN B 11 -12.76 14.63 9.91
CA GLN B 11 -11.51 15.37 10.13
C GLN B 11 -10.37 14.99 9.18
N ILE B 12 -10.26 13.70 8.88
CA ILE B 12 -9.29 13.20 7.89
C ILE B 12 -9.55 13.82 6.50
N LEU B 13 -10.83 13.86 6.13
CA LEU B 13 -11.22 14.40 4.83
C LEU B 13 -10.97 15.91 4.76
N LYS B 14 -11.31 16.63 5.83
CA LYS B 14 -11.10 18.09 5.86
C LYS B 14 -9.64 18.45 5.71
N ALA B 15 -8.77 17.58 6.22
CA ALA B 15 -7.32 17.75 6.09
C ALA B 15 -6.85 17.51 4.66
N LYS B 16 -7.42 16.53 3.98
CA LYS B 16 -7.06 16.22 2.59
C LYS B 16 -7.16 17.47 1.72
N PRO B 17 -6.38 17.52 0.62
CA PRO B 17 -6.51 18.70 -0.23
C PRO B 17 -7.88 18.77 -0.90
N ASP B 18 -8.51 19.95 -0.81
CA ASP B 18 -9.61 20.36 -1.69
C ASP B 18 -10.97 19.63 -1.67
N SER B 19 -11.58 19.32 -0.52
CA SER B 19 -10.98 19.17 0.80
C SER B 19 -11.39 17.71 1.09
N GLY B 20 -10.73 16.79 0.38
CA GLY B 20 -11.20 15.41 0.29
C GLY B 20 -12.40 15.20 -0.61
N ARG B 21 -12.84 16.25 -1.31
CA ARG B 21 -14.07 16.19 -2.11
C ARG B 21 -13.87 15.42 -3.40
N THR B 22 -12.61 15.32 -3.85
CA THR B 22 -12.29 14.75 -5.14
C THR B 22 -12.00 13.25 -5.02
N ILE B 23 -12.85 12.44 -5.66
CA ILE B 23 -12.66 11.00 -5.78
C ILE B 23 -12.34 10.62 -7.22
N TYR B 24 -11.20 9.94 -7.41
CA TYR B 24 -10.79 9.49 -8.73
C TYR B 24 -11.44 8.15 -9.03
N THR B 25 -11.89 7.98 -10.25
CA THR B 25 -12.88 6.99 -10.56
C THR B 25 -12.73 6.40 -11.96
N VAL B 26 -13.25 5.18 -12.14
CA VAL B 26 -13.35 4.54 -13.45
C VAL B 26 -14.64 3.75 -13.52
N THR B 27 -15.07 3.43 -14.73
CA THR B 27 -16.25 2.58 -14.92
C THR B 27 -15.86 1.11 -15.02
N LYS B 28 -16.86 0.24 -14.95
CA LYS B 28 -16.65 -1.20 -15.04
C LYS B 28 -16.15 -1.63 -16.42
N ASN B 29 -16.52 -0.88 -17.46
CA ASN B 29 -16.15 -1.20 -18.83
C ASN B 29 -14.76 -0.71 -19.25
N ASP B 30 -14.21 0.26 -18.52
CA ASP B 30 -12.87 0.79 -18.82
C ASP B 30 -11.83 -0.33 -18.90
N PHE B 31 -10.82 -0.14 -19.75
CA PHE B 31 -9.69 -1.07 -19.79
C PHE B 31 -8.84 -0.88 -18.54
N VAL B 32 -8.38 -2.00 -17.97
CA VAL B 32 -7.45 -1.99 -16.83
C VAL B 32 -6.26 -1.07 -17.08
N TYR B 33 -5.74 -1.11 -18.30
CA TYR B 33 -4.65 -0.23 -18.70
C TYR B 33 -4.97 1.25 -18.44
N ASP B 34 -6.22 1.64 -18.68
CA ASP B 34 -6.64 3.02 -18.46
C ASP B 34 -6.75 3.33 -16.98
N ALA B 35 -7.13 2.33 -16.19
CA ALA B 35 -7.14 2.45 -14.74
C ALA B 35 -5.72 2.74 -14.23
N ILE B 36 -4.78 1.94 -14.69
CA ILE B 36 -3.36 2.01 -14.31
C ILE B 36 -2.69 3.33 -14.73
N LYS B 37 -3.05 3.84 -15.92
CA LYS B 37 -2.52 5.12 -16.38
C LYS B 37 -3.04 6.26 -15.52
N LEU B 38 -4.32 6.23 -15.18
CA LEU B 38 -4.93 7.25 -14.32
C LEU B 38 -4.36 7.26 -12.90
N MET B 39 -4.16 6.08 -12.32
CA MET B 39 -3.50 5.99 -11.01
C MET B 39 -2.15 6.71 -11.03
N ALA B 40 -1.37 6.45 -12.08
CA ALA B 40 -0.06 7.08 -12.31
C ALA B 40 -0.15 8.58 -12.46
N GLU B 41 -1.17 9.07 -13.15
CA GLU B 41 -1.35 10.51 -13.37
C GLU B 41 -1.66 11.26 -12.07
N LYS B 42 -2.36 10.62 -11.15
CA LYS B 42 -2.79 11.29 -9.91
C LYS B 42 -1.95 10.94 -8.67
N GLY B 43 -1.00 10.02 -8.83
CA GLY B 43 -0.16 9.60 -7.71
C GLY B 43 -0.95 8.85 -6.64
N ILE B 44 -1.79 7.91 -7.09
CA ILE B 44 -2.66 7.15 -6.20
C ILE B 44 -2.53 5.65 -6.49
N GLY B 45 -3.11 4.82 -5.61
CA GLY B 45 -3.06 3.36 -5.75
C GLY B 45 -4.42 2.70 -5.84
N ALA B 46 -5.50 3.48 -5.86
CA ALA B 46 -6.82 2.90 -6.04
C ALA B 46 -7.75 3.81 -6.85
N LEU B 47 -8.80 3.19 -7.39
CA LEU B 47 -9.86 3.90 -8.06
C LEU B 47 -11.19 3.29 -7.64
N LEU B 48 -12.14 4.15 -7.28
CA LEU B 48 -13.52 3.71 -7.04
C LEU B 48 -14.11 3.38 -8.39
N VAL B 49 -14.72 2.21 -8.53
CA VAL B 49 -15.34 1.81 -9.80
C VAL B 49 -16.83 2.16 -9.79
N VAL B 50 -17.22 3.14 -10.62
CA VAL B 50 -18.61 3.59 -10.69
C VAL B 50 -19.21 3.35 -12.07
N ASP B 51 -20.43 2.84 -12.11
CA ASP B 51 -21.18 2.65 -13.34
C ASP B 51 -22.41 3.56 -13.32
N GLY B 52 -22.19 4.84 -13.53
CA GLY B 52 -23.28 5.81 -13.64
C GLY B 52 -23.91 6.21 -12.32
N ASP B 53 -23.08 6.41 -11.29
CA ASP B 53 -23.51 6.96 -9.99
C ASP B 53 -23.62 5.92 -8.86
N ASP B 54 -23.76 4.64 -9.22
CA ASP B 54 -23.75 3.55 -8.24
C ASP B 54 -22.33 2.99 -8.10
N ILE B 55 -21.95 2.66 -6.87
CA ILE B 55 -20.64 2.06 -6.59
C ILE B 55 -20.65 0.59 -7.04
N ALA B 56 -19.88 0.30 -8.09
CA ALA B 56 -19.78 -1.04 -8.65
C ALA B 56 -18.74 -1.87 -7.92
N GLY B 57 -17.63 -1.23 -7.54
CA GLY B 57 -16.56 -1.93 -6.85
C GLY B 57 -15.37 -1.02 -6.61
N ILE B 58 -14.22 -1.63 -6.32
CA ILE B 58 -12.98 -0.89 -6.15
C ILE B 58 -11.83 -1.71 -6.75
N VAL B 59 -10.91 -1.01 -7.40
CA VAL B 59 -9.77 -1.62 -8.05
C VAL B 59 -8.50 -0.93 -7.62
N THR B 60 -7.47 -1.70 -7.30
CA THR B 60 -6.22 -1.10 -6.83
C THR B 60 -5.00 -1.72 -7.48
N GLU B 61 -3.86 -1.08 -7.24
CA GLU B 61 -2.55 -1.59 -7.66
C GLU B 61 -2.35 -3.04 -7.23
N ARG B 62 -2.88 -3.42 -6.06
CA ARG B 62 -2.78 -4.81 -5.59
C ARG B 62 -3.55 -5.75 -6.51
N ASP B 63 -4.72 -5.32 -6.97
CA ASP B 63 -5.52 -6.07 -7.96
C ASP B 63 -4.77 -6.25 -9.27
N TYR B 64 -4.11 -5.18 -9.72
CA TYR B 64 -3.37 -5.22 -11.00
C TYR B 64 -2.17 -6.17 -10.94
N ALA B 65 -1.44 -6.16 -9.82
CA ALA B 65 -0.28 -7.01 -9.59
C ALA B 65 -0.60 -8.51 -9.50
N ARG B 66 -1.82 -8.85 -9.08
CA ARG B 66 -2.20 -10.24 -8.79
C ARG B 66 -3.05 -10.91 -9.88
N LYS B 67 -3.81 -10.12 -10.63
CA LYS B 67 -4.89 -10.69 -11.45
C LYS B 67 -4.80 -10.48 -12.96
N VAL B 68 -3.69 -9.94 -13.46
CA VAL B 68 -3.58 -9.65 -14.89
C VAL B 68 -2.50 -10.53 -15.52
N VAL B 69 -1.23 -10.11 -15.48
CA VAL B 69 -0.19 -10.86 -16.18
C VAL B 69 0.02 -12.25 -15.58
N LEU B 70 -0.20 -12.39 -14.28
CA LEU B 70 -0.11 -13.70 -13.62
C LEU B 70 -1.26 -14.63 -14.04
N GLN B 71 -2.30 -14.06 -14.66
CA GLN B 71 -3.42 -14.84 -15.19
C GLN B 71 -3.45 -14.84 -16.72
N GLU B 72 -2.29 -14.63 -17.34
CA GLU B 72 -2.15 -14.60 -18.80
C GLU B 72 -3.05 -13.56 -19.46
N ARG B 73 -3.26 -12.42 -18.79
CA ARG B 73 -4.09 -11.34 -19.32
C ARG B 73 -3.25 -10.12 -19.68
N SER B 74 -3.81 -9.30 -20.57
CA SER B 74 -3.25 -8.01 -20.93
C SER B 74 -4.13 -6.92 -20.37
N SER B 75 -3.50 -5.92 -19.74
CA SER B 75 -4.20 -4.76 -19.21
C SER B 75 -4.96 -4.00 -20.31
N LYS B 76 -4.47 -4.09 -21.55
CA LYS B 76 -5.10 -3.42 -22.68
C LYS B 76 -6.37 -4.12 -23.18
N ALA B 77 -6.42 -5.44 -22.97
CA ALA B 77 -7.56 -6.25 -23.41
C ALA B 77 -8.42 -6.73 -22.24
N THR B 78 -8.11 -6.25 -21.02
CA THR B 78 -8.86 -6.60 -19.81
C THR B 78 -9.64 -5.39 -19.30
N ARG B 79 -10.87 -5.62 -18.88
CA ARG B 79 -11.75 -4.57 -18.36
C ARG B 79 -11.66 -4.59 -16.84
N VAL B 80 -11.88 -3.41 -16.23
CA VAL B 80 -11.78 -3.24 -14.78
C VAL B 80 -12.65 -4.22 -13.99
N GLU B 81 -13.81 -4.57 -14.53
CA GLU B 81 -14.76 -5.44 -13.83
C GLU B 81 -14.17 -6.80 -13.55
N GLU B 82 -13.28 -7.26 -14.44
CA GLU B 82 -12.67 -8.59 -14.34
C GLU B 82 -11.73 -8.78 -13.15
N ILE B 83 -11.26 -7.67 -12.58
CA ILE B 83 -10.24 -7.68 -11.52
C ILE B 83 -10.60 -6.86 -10.24
N MET B 84 -11.65 -6.06 -10.31
CA MET B 84 -12.12 -5.25 -9.16
C MET B 84 -12.75 -6.12 -8.07
N THR B 85 -12.81 -5.59 -6.84
CA THR B 85 -13.55 -6.17 -5.73
C THR B 85 -14.94 -5.54 -5.71
N ALA B 86 -15.99 -6.36 -5.71
CA ALA B 86 -17.37 -5.89 -5.85
C ALA B 86 -17.99 -5.53 -4.50
N LYS B 87 -17.71 -6.34 -3.47
CA LYS B 87 -18.23 -6.09 -2.14
C LYS B 87 -17.35 -5.06 -1.46
N VAL B 88 -17.71 -3.79 -1.62
CA VAL B 88 -16.90 -2.68 -1.11
C VAL B 88 -17.29 -2.36 0.33
N ARG B 89 -16.30 -2.41 1.22
CA ARG B 89 -16.47 -1.94 2.60
C ARG B 89 -16.27 -0.43 2.63
N TYR B 90 -17.08 0.26 3.43
CA TYR B 90 -17.06 1.71 3.51
C TYR B 90 -17.14 2.11 4.97
N VAL B 91 -16.90 3.40 5.22
CA VAL B 91 -17.06 3.99 6.54
C VAL B 91 -17.91 5.26 6.46
N GLU B 92 -18.43 5.70 7.60
CA GLU B 92 -19.20 6.95 7.65
C GLU B 92 -18.35 8.00 8.33
N PRO B 93 -18.62 9.29 8.04
CA PRO B 93 -17.78 10.36 8.59
C PRO B 93 -17.69 10.38 10.12
N SER B 94 -18.67 9.76 10.79
CA SER B 94 -18.73 9.71 12.24
C SER B 94 -17.67 8.79 12.85
N GLN B 95 -17.21 7.80 12.09
CA GLN B 95 -16.34 6.75 12.64
C GLN B 95 -14.94 7.23 12.94
N SER B 96 -14.33 6.62 13.95
CA SER B 96 -13.00 7.02 14.43
C SER B 96 -11.89 6.40 13.57
N THR B 97 -10.74 7.05 13.55
CA THR B 97 -9.59 6.53 12.81
C THR B 97 -9.13 5.15 13.33
N ASP B 98 -9.28 4.92 14.64
CA ASP B 98 -8.95 3.62 15.21
C ASP B 98 -9.82 2.52 14.59
N GLU B 99 -11.11 2.80 14.44
CA GLU B 99 -12.01 1.84 13.80
C GLU B 99 -11.56 1.56 12.37
N CYS B 100 -11.25 2.63 11.63
CA CYS B 100 -10.73 2.53 10.26
C CYS B 100 -9.46 1.68 10.15
N MET B 101 -8.55 1.85 11.09
CA MET B 101 -7.30 1.11 11.10
C MET B 101 -7.53 -0.38 11.39
N ALA B 102 -8.45 -0.68 12.30
CA ALA B 102 -8.85 -2.06 12.59
C ALA B 102 -9.42 -2.74 11.34
N LEU B 103 -10.34 -2.06 10.63
CA LEU B 103 -10.91 -2.57 9.39
C LEU B 103 -9.87 -2.92 8.33
N MET B 104 -9.00 -1.95 8.04
CA MET B 104 -7.87 -2.14 7.13
C MET B 104 -6.96 -3.30 7.54
N THR B 105 -6.66 -3.41 8.82
CA THR B 105 -5.79 -4.46 9.32
C THR B 105 -6.44 -5.85 9.18
N GLU B 106 -7.67 -5.95 9.67
CA GLU B 106 -8.40 -7.20 9.70
C GLU B 106 -8.77 -7.67 8.28
N HIS B 107 -9.21 -6.75 7.42
CA HIS B 107 -9.66 -7.13 6.08
C HIS B 107 -8.63 -6.96 4.98
N ARG B 108 -7.43 -6.51 5.35
CA ARG B 108 -6.29 -6.42 4.43
C ARG B 108 -6.60 -5.57 3.20
N MET B 109 -6.99 -4.32 3.46
CA MET B 109 -7.29 -3.32 2.44
C MET B 109 -6.76 -1.97 2.92
N ARG B 110 -6.30 -1.14 2.00
CA ARG B 110 -5.70 0.14 2.37
C ARG B 110 -6.54 1.34 1.94
N HIS B 111 -7.78 1.09 1.54
CA HIS B 111 -8.66 2.14 1.07
C HIS B 111 -10.04 1.95 1.60
N LEU B 112 -10.71 3.07 1.92
CA LEU B 112 -12.07 3.03 2.44
C LEU B 112 -12.86 4.23 1.89
N PRO B 113 -13.81 3.98 0.98
CA PRO B 113 -14.72 5.06 0.58
C PRO B 113 -15.52 5.57 1.76
N VAL B 114 -15.94 6.82 1.72
CA VAL B 114 -16.73 7.39 2.81
C VAL B 114 -18.12 7.71 2.29
N LEU B 115 -19.12 7.02 2.82
CA LEU B 115 -20.51 7.32 2.47
C LEU B 115 -21.19 8.01 3.64
N ASP B 116 -21.91 9.10 3.36
CA ASP B 116 -22.68 9.81 4.36
C ASP B 116 -24.15 9.84 3.95
N GLY B 117 -24.97 9.07 4.66
CA GLY B 117 -26.38 8.87 4.32
C GLY B 117 -26.58 8.11 3.01
N GLY B 118 -25.53 7.46 2.50
CA GLY B 118 -25.58 6.81 1.19
C GLY B 118 -24.99 7.64 0.06
N LYS B 119 -24.56 8.87 0.35
CA LYS B 119 -23.79 9.67 -0.60
C LYS B 119 -22.29 9.42 -0.44
N LEU B 120 -21.60 9.12 -1.54
CA LEU B 120 -20.14 9.05 -1.54
C LEU B 120 -19.62 10.47 -1.34
N ILE B 121 -18.92 10.72 -0.23
CA ILE B 121 -18.37 12.06 0.05
C ILE B 121 -16.84 12.11 -0.03
N GLY B 122 -16.19 10.96 -0.10
CA GLY B 122 -14.74 10.93 -0.30
C GLY B 122 -14.17 9.55 -0.17
N LEU B 123 -12.84 9.48 -0.05
CA LEU B 123 -12.13 8.22 0.08
C LEU B 123 -10.89 8.43 0.92
N ILE B 124 -10.66 7.53 1.86
CA ILE B 124 -9.47 7.63 2.71
C ILE B 124 -8.64 6.36 2.58
N SER B 125 -7.37 6.50 2.93
CA SER B 125 -6.40 5.46 2.72
C SER B 125 -5.57 5.26 3.98
N ILE B 126 -4.86 4.13 4.04
CA ILE B 126 -4.03 3.81 5.20
C ILE B 126 -3.03 4.95 5.46
N GLY B 127 -2.54 5.57 4.39
CA GLY B 127 -1.65 6.72 4.52
C GLY B 127 -2.27 7.93 5.22
N ASP B 128 -3.54 8.22 4.91
CA ASP B 128 -4.23 9.35 5.57
C ASP B 128 -4.33 9.07 7.06
N LEU B 129 -4.59 7.82 7.42
CA LEU B 129 -4.71 7.42 8.82
C LEU B 129 -3.38 7.44 9.58
N VAL B 130 -2.32 6.92 8.96
CA VAL B 130 -1.00 7.01 9.56
C VAL B 130 -0.58 8.48 9.78
N LYS B 131 -0.85 9.33 8.79
CA LYS B 131 -0.51 10.75 8.95
C LYS B 131 -1.18 11.37 10.19
N SER B 132 -2.48 11.11 10.37
CA SER B 132 -3.20 11.67 11.49
C SER B 132 -2.63 11.20 12.84
N VAL B 133 -2.19 9.95 12.92
CA VAL B 133 -1.54 9.47 14.15
C VAL B 133 -0.29 10.27 14.54
N ILE B 134 0.56 10.62 13.56
CA ILE B 134 1.85 11.32 13.83
C ILE B 134 1.93 12.78 13.37
N ALA B 135 0.86 13.30 12.77
CA ALA B 135 0.93 14.62 12.09
C ALA B 135 1.35 15.77 13.01
N ASP B 136 0.94 15.68 14.28
CA ASP B 136 1.23 16.72 15.28
C ASP B 136 2.41 16.39 16.19
N GLN B 137 3.07 15.24 15.97
CA GLN B 137 4.23 14.86 16.78
C GLN B 137 5.51 15.55 16.27
N GLN B 138 6.52 15.64 17.14
CA GLN B 138 7.79 16.29 16.81
C GLN B 138 8.89 15.27 16.53
N PHE B 139 9.66 15.52 15.48
CA PHE B 139 10.79 14.67 15.09
C PHE B 139 11.97 15.54 14.69
N THR B 140 13.18 14.98 14.79
CA THR B 140 14.36 15.62 14.24
C THR B 140 14.84 14.83 13.04
N ILE B 141 15.62 15.48 12.19
CA ILE B 141 16.27 14.81 11.07
C ILE B 141 17.23 13.71 11.57
N SER B 142 17.92 13.98 12.67
CA SER B 142 18.84 12.99 13.27
C SER B 142 18.11 11.77 13.88
N GLN B 143 16.94 11.99 14.49
CA GLN B 143 16.14 10.92 15.12
C GLN B 143 15.89 9.73 14.21
#